data_4E6F
#
_entry.id   4E6F
#
_cell.length_a   49.237
_cell.length_b   89.078
_cell.length_c   52.586
_cell.angle_alpha   90.000
_cell.angle_beta   105.490
_cell.angle_gamma   90.000
#
_symmetry.space_group_name_H-M   'P 1 21 1'
#
loop_
_entity.id
_entity.type
_entity.pdbx_description
1 polymer 'Uncharacterized protein'
2 non-polymer 'NITRATE ION'
3 non-polymer 1,2-ETHANEDIOL
4 water water
#
_entity_poly.entity_id   1
_entity_poly.type   'polypeptide(L)'
_entity_poly.pdbx_seq_one_letter_code
;GDSAKEKKDDTRYLVGAVPEVDGKVVFSKEFQIPG(MSE)SQAQIYDT(MSE)TKW(MSE)DERLKENKNIDSRIVFSDE
AKGTIAGVGEEWIVFSSSALSLDRTLVNYQITVTCKPGNCLVELEKIRFTYRETEKYKAEEWITDKYALNKAKTKLVRGL
AKWRRKTVDFADD(MSE)F(MSE)DVAVAFGAPDTRPKTEK
;
_entity_poly.pdbx_strand_id   A,B
#
# COMPACT_ATOMS: atom_id res chain seq x y z
N LYS A 7 -11.63 24.55 7.20
CA LYS A 7 -11.77 24.76 5.77
C LYS A 7 -10.96 23.72 4.98
N LYS A 8 -9.63 23.62 5.24
CA LYS A 8 -8.74 22.66 4.58
C LYS A 8 -9.14 21.22 4.90
N ASP A 9 -9.26 20.37 3.86
CA ASP A 9 -9.57 18.96 4.03
C ASP A 9 -8.24 18.22 4.22
N ASP A 10 -7.95 17.88 5.48
CA ASP A 10 -6.68 17.23 5.85
C ASP A 10 -6.83 15.72 6.09
N THR A 11 -7.93 15.12 5.61
CA THR A 11 -8.21 13.69 5.75
C THR A 11 -6.97 12.81 5.41
N ARG A 12 -6.26 13.14 4.32
CA ARG A 12 -5.11 12.39 3.83
C ARG A 12 -3.99 12.29 4.87
N TYR A 13 -3.84 13.32 5.69
CA TYR A 13 -2.67 13.49 6.57
C TYR A 13 -2.83 12.98 8.00
N LEU A 14 -3.91 12.29 8.31
CA LEU A 14 -4.17 11.88 9.67
C LEU A 14 -3.59 10.46 9.96
N VAL A 15 -4.33 9.60 10.69
CA VAL A 15 -3.92 8.24 11.08
C VAL A 15 -3.26 7.48 9.89
N GLY A 16 -2.04 6.98 10.10
CA GLY A 16 -1.31 6.19 9.10
C GLY A 16 -0.58 6.93 7.98
N ALA A 17 -0.72 8.28 7.90
CA ALA A 17 -0.09 9.02 6.81
C ALA A 17 1.44 9.04 6.89
N VAL A 18 2.02 8.90 8.10
CA VAL A 18 3.47 8.95 8.30
C VAL A 18 3.89 7.62 8.97
N PRO A 19 4.19 6.58 8.17
CA PRO A 19 4.50 5.28 8.78
C PRO A 19 5.85 5.27 9.46
N GLU A 20 5.94 4.45 10.51
CA GLU A 20 7.17 4.25 11.26
C GLU A 20 7.53 2.78 11.21
N VAL A 21 8.82 2.50 10.97
CA VAL A 21 9.37 1.14 10.91
C VAL A 21 10.61 1.14 11.79
N ASP A 22 10.62 0.28 12.84
CA ASP A 22 11.73 0.20 13.81
C ASP A 22 12.12 1.60 14.35
N GLY A 23 11.10 2.39 14.69
CA GLY A 23 11.22 3.75 15.23
C GLY A 23 11.64 4.84 14.27
N LYS A 24 11.67 4.55 12.96
CA LYS A 24 12.08 5.52 11.93
CA LYS A 24 12.07 5.54 11.95
C LYS A 24 10.96 5.79 10.93
N VAL A 25 10.91 7.00 10.39
CA VAL A 25 9.90 7.33 9.39
C VAL A 25 10.29 6.68 8.07
N VAL A 26 9.37 5.86 7.51
CA VAL A 26 9.59 5.23 6.22
C VAL A 26 8.29 5.29 5.44
N PHE A 27 8.24 6.06 4.36
CA PHE A 27 7.06 6.01 3.48
C PHE A 27 7.26 4.86 2.53
N SER A 28 6.22 4.11 2.22
CA SER A 28 6.42 2.98 1.33
C SER A 28 5.21 2.71 0.45
N LYS A 29 5.48 2.10 -0.69
CA LYS A 29 4.41 1.68 -1.59
C LYS A 29 4.87 0.46 -2.32
N GLU A 30 3.96 -0.52 -2.40
CA GLU A 30 4.20 -1.73 -3.14
CA GLU A 30 4.18 -1.73 -3.14
C GLU A 30 3.54 -1.60 -4.50
N PHE A 31 4.17 -2.18 -5.50
CA PHE A 31 3.62 -2.17 -6.86
C PHE A 31 3.54 -3.59 -7.34
N GLN A 32 2.38 -3.95 -7.93
CA GLN A 32 2.18 -5.27 -8.52
C GLN A 32 2.30 -5.14 -10.01
N ILE A 33 3.35 -5.76 -10.59
CA ILE A 33 3.62 -5.78 -12.03
CA ILE A 33 3.59 -5.78 -12.04
C ILE A 33 3.78 -7.26 -12.38
N PRO A 34 2.68 -8.04 -12.26
CA PRO A 34 2.79 -9.50 -12.33
C PRO A 34 3.40 -10.11 -13.57
N GLY A 35 3.26 -9.45 -14.70
CA GLY A 35 3.85 -10.03 -15.92
C GLY A 35 5.37 -9.89 -16.03
N SER A 37 9.51 -9.90 -15.03
CA SER A 37 10.49 -10.64 -14.26
C SER A 37 11.23 -9.69 -13.34
N GLN A 38 11.96 -10.24 -12.37
CA GLN A 38 12.76 -9.40 -11.47
C GLN A 38 13.70 -8.48 -12.27
N ALA A 39 14.38 -9.03 -13.30
CA ALA A 39 15.33 -8.27 -14.13
C ALA A 39 14.65 -7.11 -14.87
N GLN A 40 13.44 -7.32 -15.39
CA GLN A 40 12.71 -6.23 -16.08
C GLN A 40 12.34 -5.08 -15.10
N ILE A 41 11.92 -5.45 -13.91
CA ILE A 41 11.53 -4.45 -12.89
C ILE A 41 12.76 -3.67 -12.43
N TYR A 42 13.87 -4.41 -12.18
CA TYR A 42 15.13 -3.81 -11.75
C TYR A 42 15.62 -2.80 -12.82
N ASP A 43 15.55 -3.16 -14.13
CA ASP A 43 16.00 -2.26 -15.18
CA ASP A 43 15.98 -2.28 -15.22
C ASP A 43 15.09 -1.04 -15.28
N THR A 44 13.77 -1.22 -15.09
CA THR A 44 12.85 -0.07 -15.15
C THR A 44 13.13 0.89 -14.00
N THR A 46 16.04 1.17 -12.17
CA THR A 46 17.33 1.87 -12.21
CA THR A 46 17.34 1.83 -12.28
C THR A 46 17.20 3.08 -13.13
N LYS A 47 16.55 2.92 -14.31
CA LYS A 47 16.37 4.04 -15.23
CA LYS A 47 16.35 4.04 -15.24
C LYS A 47 15.50 5.12 -14.58
N TRP A 48 14.41 4.72 -13.92
CA TRP A 48 13.55 5.70 -13.26
C TRP A 48 14.32 6.47 -12.18
N ASP A 50 17.51 6.87 -11.75
CA ASP A 50 18.58 7.66 -12.32
C ASP A 50 18.03 8.99 -12.85
N GLU A 51 16.96 8.94 -13.66
CA GLU A 51 16.37 10.14 -14.21
CA GLU A 51 16.34 10.13 -14.23
C GLU A 51 15.71 11.00 -13.14
N ARG A 52 15.02 10.39 -12.17
CA ARG A 52 14.37 11.13 -11.09
C ARG A 52 15.37 11.90 -10.24
N LEU A 53 16.52 11.29 -9.94
CA LEU A 53 17.52 11.99 -9.13
C LEU A 53 18.30 13.01 -9.97
N LYS A 54 18.51 12.74 -11.27
CA LYS A 54 19.17 13.73 -12.14
CA LYS A 54 19.16 13.72 -12.16
C LYS A 54 18.33 14.99 -12.20
N GLU A 55 16.98 14.84 -12.11
CA GLU A 55 16.06 15.99 -12.15
C GLU A 55 16.25 16.95 -10.97
N ASN A 56 16.83 16.47 -9.85
CA ASN A 56 17.12 17.33 -8.70
C ASN A 56 18.22 18.37 -9.03
N LYS A 57 19.05 18.07 -10.05
CA LYS A 57 20.12 18.96 -10.55
C LYS A 57 21.09 19.40 -9.44
N ASN A 58 21.59 18.44 -8.64
CA ASN A 58 22.61 18.72 -7.64
C ASN A 58 23.49 17.49 -7.41
N ILE A 59 24.68 17.72 -6.87
CA ILE A 59 25.65 16.65 -6.62
C ILE A 59 25.24 15.72 -5.47
N ASP A 60 24.29 16.13 -4.62
CA ASP A 60 23.83 15.29 -3.49
C ASP A 60 22.63 14.41 -3.87
N SER A 61 22.38 14.28 -5.20
CA SER A 61 21.31 13.44 -5.72
C SER A 61 21.86 12.45 -6.73
N ARG A 62 21.87 11.16 -6.37
CA ARG A 62 22.45 10.13 -7.25
C ARG A 62 22.14 8.74 -6.73
N ILE A 63 22.22 7.74 -7.62
CA ILE A 63 22.12 6.34 -7.20
C ILE A 63 23.44 6.02 -6.51
N VAL A 64 23.41 5.37 -5.33
CA VAL A 64 24.66 5.05 -4.63
C VAL A 64 24.88 3.54 -4.44
N PHE A 65 23.84 2.73 -4.68
CA PHE A 65 23.94 1.29 -4.49
C PHE A 65 23.04 0.57 -5.47
N SER A 66 23.52 -0.53 -6.02
CA SER A 66 22.65 -1.40 -6.79
C SER A 66 23.24 -2.82 -6.77
N ASP A 67 22.38 -3.80 -6.47
CA ASP A 67 22.77 -5.20 -6.50
C ASP A 67 21.80 -5.90 -7.45
N GLU A 68 22.25 -6.17 -8.67
CA GLU A 68 21.40 -6.72 -9.72
C GLU A 68 20.80 -8.08 -9.34
N ALA A 69 21.59 -9.00 -8.76
CA ALA A 69 21.05 -10.33 -8.40
C ALA A 69 19.94 -10.21 -7.34
N LYS A 70 20.16 -9.35 -6.33
CA LYS A 70 19.19 -9.15 -5.24
C LYS A 70 18.09 -8.16 -5.58
N GLY A 71 18.18 -7.54 -6.75
CA GLY A 71 17.21 -6.56 -7.24
C GLY A 71 17.03 -5.37 -6.32
N THR A 72 18.11 -4.95 -5.60
CA THR A 72 18.03 -3.81 -4.69
CA THR A 72 18.01 -3.82 -4.69
C THR A 72 18.76 -2.60 -5.27
N ILE A 73 18.16 -1.42 -5.09
CA ILE A 73 18.71 -0.17 -5.58
C ILE A 73 18.54 0.87 -4.50
N ALA A 74 19.54 1.69 -4.26
CA ALA A 74 19.33 2.80 -3.34
C ALA A 74 19.98 4.05 -3.88
N GLY A 75 19.30 5.16 -3.65
CA GLY A 75 19.83 6.46 -4.06
C GLY A 75 19.62 7.47 -2.97
N VAL A 76 20.35 8.57 -3.06
CA VAL A 76 20.17 9.67 -2.12
C VAL A 76 19.72 10.89 -2.92
N GLY A 77 18.92 11.72 -2.28
CA GLY A 77 18.42 12.92 -2.94
C GLY A 77 18.39 14.12 -2.02
N GLU A 78 18.40 15.28 -2.66
CA GLU A 78 18.33 16.55 -1.96
C GLU A 78 17.49 17.49 -2.80
N GLU A 79 16.46 18.08 -2.18
CA GLU A 79 15.57 18.98 -2.90
C GLU A 79 15.06 20.08 -2.02
N TRP A 80 14.45 21.11 -2.64
CA TRP A 80 13.69 22.09 -1.89
C TRP A 80 12.24 21.64 -1.84
N ILE A 81 11.60 21.79 -0.66
CA ILE A 81 10.17 21.61 -0.48
C ILE A 81 9.61 23.00 -0.18
N VAL A 82 8.73 23.52 -1.04
CA VAL A 82 8.18 24.86 -0.82
C VAL A 82 6.90 24.76 0.00
N PHE A 83 6.80 25.56 1.08
CA PHE A 83 5.58 25.60 1.90
C PHE A 83 4.59 26.63 1.35
N SER A 84 5.11 27.83 1.07
CA SER A 84 4.30 28.94 0.58
C SER A 84 5.19 30.03 0.03
N SER A 85 4.56 30.89 -0.76
CA SER A 85 5.26 32.01 -1.31
CA SER A 85 5.22 31.98 -1.43
C SER A 85 4.29 33.18 -1.42
N SER A 86 4.80 34.40 -1.19
N SER A 86 4.86 34.35 -1.19
CA SER A 86 4.08 35.66 -1.29
CA SER A 86 4.20 35.64 -1.19
C SER A 86 4.99 36.63 -2.05
C SER A 86 5.15 36.62 -1.85
N ALA A 87 4.51 37.83 -2.42
N ALA A 87 4.72 37.87 -2.03
CA ALA A 87 5.32 38.79 -3.17
CA ALA A 87 5.59 38.93 -2.56
C ALA A 87 6.75 38.90 -2.59
C ALA A 87 6.81 39.12 -1.64
N LEU A 88 6.86 39.12 -1.26
N LEU A 88 6.62 38.98 -0.31
CA LEU A 88 8.12 39.38 -0.56
CA LEU A 88 7.71 39.23 0.65
C LEU A 88 8.88 38.17 -0.09
C LEU A 88 8.17 37.99 1.41
N SER A 89 8.17 37.12 0.40
N SER A 89 7.89 36.79 0.88
CA SER A 89 8.77 35.98 1.08
CA SER A 89 8.30 35.59 1.58
C SER A 89 8.60 34.65 0.36
C SER A 89 8.33 34.38 0.70
N LEU A 90 9.44 33.66 0.69
CA LEU A 90 9.47 32.34 0.11
C LEU A 90 9.79 31.44 1.27
N ASP A 91 8.82 30.62 1.69
CA ASP A 91 9.04 29.75 2.84
C ASP A 91 9.27 28.35 2.31
N ARG A 92 10.48 27.82 2.48
CA ARG A 92 10.84 26.49 1.98
C ARG A 92 11.83 25.81 2.89
N THR A 93 11.95 24.48 2.75
CA THR A 93 12.96 23.75 3.48
C THR A 93 13.79 22.92 2.53
N LEU A 94 15.04 22.65 2.90
CA LEU A 94 15.80 21.65 2.15
C LEU A 94 15.38 20.32 2.75
N VAL A 95 15.38 19.27 1.93
CA VAL A 95 15.11 17.93 2.42
C VAL A 95 16.18 17.03 1.86
N ASN A 96 16.70 16.10 2.67
CA ASN A 96 17.63 15.06 2.24
C ASN A 96 16.96 13.76 2.55
N TYR A 97 17.10 12.78 1.65
CA TYR A 97 16.41 11.52 1.86
C TYR A 97 17.13 10.37 1.15
N GLN A 98 16.68 9.13 1.41
CA GLN A 98 17.16 7.98 0.67
C GLN A 98 15.96 7.30 0.04
N ILE A 99 16.11 6.88 -1.23
CA ILE A 99 15.09 6.08 -1.93
C ILE A 99 15.64 4.66 -1.95
N THR A 100 14.87 3.69 -1.47
CA THR A 100 15.30 2.29 -1.44
C THR A 100 14.28 1.49 -2.22
N VAL A 101 14.73 0.76 -3.25
CA VAL A 101 13.84 -0.02 -4.11
C VAL A 101 14.24 -1.48 -4.03
N THR A 102 13.24 -2.37 -3.81
CA THR A 102 13.46 -3.81 -3.72
C THR A 102 12.59 -4.46 -4.80
N CYS A 103 13.23 -5.13 -5.75
CA CYS A 103 12.57 -5.78 -6.90
C CYS A 103 12.58 -7.28 -6.70
N LYS A 104 11.43 -7.91 -7.01
CA LYS A 104 11.24 -9.35 -6.95
C LYS A 104 10.48 -9.73 -8.20
N PRO A 105 10.38 -11.01 -8.59
CA PRO A 105 9.55 -11.32 -9.77
C PRO A 105 8.13 -10.83 -9.55
N GLY A 106 7.65 -9.98 -10.46
CA GLY A 106 6.27 -9.49 -10.43
C GLY A 106 5.94 -8.38 -9.45
N ASN A 107 6.92 -7.94 -8.63
CA ASN A 107 6.58 -6.88 -7.68
C ASN A 107 7.74 -5.97 -7.33
N CYS A 108 7.41 -4.78 -6.81
CA CYS A 108 8.41 -3.78 -6.47
C CYS A 108 8.00 -3.09 -5.19
N LEU A 109 8.95 -2.89 -4.28
CA LEU A 109 8.70 -2.11 -3.06
C LEU A 109 9.53 -0.85 -3.17
N VAL A 110 8.93 0.33 -2.97
CA VAL A 110 9.65 1.58 -2.99
C VAL A 110 9.54 2.21 -1.60
N GLU A 111 10.67 2.52 -0.98
CA GLU A 111 10.70 3.15 0.32
C GLU A 111 11.39 4.49 0.28
N LEU A 112 10.83 5.46 1.02
CA LEU A 112 11.43 6.79 1.17
CA LEU A 112 11.43 6.79 1.19
C LEU A 112 11.79 6.92 2.64
N GLU A 113 13.07 6.99 2.93
CA GLU A 113 13.52 6.97 4.32
C GLU A 113 14.69 7.90 4.59
N LYS A 114 15.16 7.92 5.87
CA LYS A 114 16.27 8.76 6.31
C LYS A 114 16.01 10.23 5.93
N ILE A 115 14.78 10.69 6.21
CA ILE A 115 14.35 12.03 5.85
C ILE A 115 14.78 13.03 6.90
N ARG A 116 15.49 14.07 6.45
CA ARG A 116 15.92 15.13 7.35
C ARG A 116 15.80 16.46 6.63
N PHE A 117 15.46 17.47 7.40
CA PHE A 117 15.23 18.81 6.89
C PHE A 117 16.31 19.76 7.34
N THR A 118 16.67 20.70 6.45
CA THR A 118 17.60 21.79 6.76
C THR A 118 16.84 23.06 6.40
N TYR A 119 16.47 23.80 7.43
CA TYR A 119 15.61 24.96 7.29
C TYR A 119 16.34 26.24 7.64
N ARG A 120 16.25 27.25 6.73
CA ARG A 120 16.90 28.55 6.92
CA ARG A 120 16.91 28.55 6.89
CA ARG A 120 16.90 28.56 6.90
C ARG A 120 18.39 28.35 7.25
N GLU A 121 19.05 27.42 6.50
CA GLU A 121 20.47 27.05 6.52
CA GLU A 121 20.46 27.03 6.51
C GLU A 121 20.93 26.34 7.79
N THR A 122 20.49 26.78 8.99
CA THR A 122 21.04 26.19 10.22
C THR A 122 20.12 25.33 11.10
N GLU A 123 18.81 25.30 10.84
CA GLU A 123 17.90 24.52 11.65
C GLU A 123 17.79 23.12 11.04
N LYS A 124 18.17 22.11 11.83
CA LYS A 124 18.17 20.71 11.37
C LYS A 124 17.10 19.95 12.10
N TYR A 125 16.18 19.32 11.34
CA TYR A 125 15.06 18.57 11.94
CA TYR A 125 15.09 18.58 11.96
C TYR A 125 14.98 17.17 11.37
N LYS A 126 14.99 16.15 12.22
CA LYS A 126 14.84 14.76 11.77
C LYS A 126 13.35 14.48 11.64
N ALA A 127 12.91 13.75 10.58
CA ALA A 127 11.48 13.50 10.44
C ALA A 127 10.86 12.82 11.69
N GLU A 128 11.63 11.97 12.38
CA GLU A 128 11.17 11.19 13.55
C GLU A 128 10.78 12.04 14.75
N GLU A 129 11.34 13.24 14.82
CA GLU A 129 11.05 14.12 15.96
CA GLU A 129 11.08 14.13 15.95
C GLU A 129 10.24 15.32 15.50
N TRP A 130 9.65 15.24 14.26
CA TRP A 130 9.00 16.38 13.67
CA TRP A 130 8.95 16.39 13.71
C TRP A 130 7.62 16.09 13.03
N ILE A 131 7.53 15.08 12.11
CA ILE A 131 6.26 14.83 11.38
C ILE A 131 5.53 13.57 11.80
N THR A 132 6.05 12.83 12.77
CA THR A 132 5.39 11.62 13.27
C THR A 132 4.10 11.99 14.02
N ASP A 133 3.19 11.02 14.15
CA ASP A 133 1.91 11.26 14.87
C ASP A 133 2.14 11.89 16.26
N LYS A 134 3.15 11.38 16.99
CA LYS A 134 3.48 11.81 18.35
C LYS A 134 3.60 13.34 18.43
N TYR A 135 4.24 13.96 17.43
CA TYR A 135 4.46 15.42 17.45
C TYR A 135 3.48 16.20 16.60
N ALA A 136 3.02 15.63 15.48
CA ALA A 136 2.30 16.37 14.44
C ALA A 136 0.79 16.16 14.38
N LEU A 137 0.25 15.27 15.20
CA LEU A 137 -1.21 15.10 15.28
C LEU A 137 -1.63 15.47 16.67
N ASN A 138 -2.86 15.99 16.81
CA ASN A 138 -3.38 16.26 18.14
C ASN A 138 -3.62 14.89 18.86
N LYS A 139 -3.93 14.93 20.15
CA LYS A 139 -4.15 13.73 20.99
C LYS A 139 -5.16 12.75 20.35
N ALA A 140 -6.28 13.27 19.81
CA ALA A 140 -7.36 12.48 19.19
C ALA A 140 -7.06 12.05 17.75
N LYS A 141 -5.97 12.60 17.14
CA LYS A 141 -5.53 12.31 15.77
C LYS A 141 -6.60 12.77 14.72
N THR A 142 -7.29 13.89 15.01
CA THR A 142 -8.33 14.47 14.16
C THR A 142 -7.83 15.68 13.39
N LYS A 143 -6.73 16.30 13.87
CA LYS A 143 -6.20 17.48 13.22
C LYS A 143 -4.72 17.43 13.25
N LEU A 144 -4.11 18.11 12.29
CA LEU A 144 -2.69 18.37 12.28
C LEU A 144 -2.37 19.43 13.32
N VAL A 145 -1.26 19.25 14.08
CA VAL A 145 -0.77 20.29 15.01
C VAL A 145 -0.45 21.49 14.12
N ARG A 146 -1.05 22.67 14.39
CA ARG A 146 -0.96 23.75 13.42
C ARG A 146 0.47 24.17 13.04
N GLY A 147 1.39 24.22 14.01
CA GLY A 147 2.77 24.61 13.76
C GLY A 147 3.55 23.59 12.94
N LEU A 148 3.11 22.32 12.95
CA LEU A 148 3.81 21.27 12.21
C LEU A 148 3.10 20.88 10.93
N ALA A 149 1.91 21.46 10.67
CA ALA A 149 1.10 21.06 9.54
C ALA A 149 1.81 21.20 8.20
N LYS A 150 2.52 22.30 7.95
CA LYS A 150 3.18 22.48 6.66
C LYS A 150 4.22 21.39 6.42
N TRP A 151 4.92 20.98 7.48
CA TRP A 151 5.93 19.93 7.39
C TRP A 151 5.30 18.58 7.05
N ARG A 152 4.24 18.22 7.77
CA ARG A 152 3.60 16.93 7.56
C ARG A 152 2.86 16.88 6.20
N ARG A 153 2.07 17.93 5.88
CA ARG A 153 1.40 17.92 4.58
C ARG A 153 2.38 17.82 3.41
N LYS A 154 3.38 18.71 3.39
CA LYS A 154 4.26 18.76 2.23
C LYS A 154 5.15 17.52 2.12
N THR A 155 5.49 16.88 3.25
CA THR A 155 6.30 15.65 3.16
C THR A 155 5.42 14.49 2.65
N VAL A 156 4.19 14.38 3.17
CA VAL A 156 3.26 13.34 2.69
C VAL A 156 2.99 13.57 1.17
N ASP A 157 2.76 14.83 0.74
CA ASP A 157 2.54 15.13 -0.69
C ASP A 157 3.76 14.72 -1.51
N PHE A 158 4.96 15.00 -0.98
CA PHE A 158 6.21 14.66 -1.65
C PHE A 158 6.30 13.13 -1.87
N ALA A 159 5.99 12.35 -0.82
CA ALA A 159 6.01 10.88 -0.94
C ALA A 159 4.96 10.41 -1.94
N ASP A 160 3.72 10.95 -1.84
CA ASP A 160 2.67 10.59 -2.80
C ASP A 160 3.08 10.88 -4.23
N ASP A 161 3.77 12.01 -4.44
CA ASP A 161 4.23 12.40 -5.77
C ASP A 161 5.24 11.37 -6.29
N PHE A 163 5.51 8.17 -5.41
CA PHE A 163 4.86 6.89 -5.67
C PHE A 163 4.05 6.97 -6.97
N ASP A 165 5.02 8.88 -9.51
CA ASP A 165 6.06 8.87 -10.51
C ASP A 165 6.48 7.43 -10.84
N VAL A 166 6.58 6.58 -9.81
CA VAL A 166 6.94 5.17 -10.00
C VAL A 166 5.82 4.46 -10.78
N ALA A 167 4.55 4.69 -10.38
CA ALA A 167 3.41 4.05 -11.06
C ALA A 167 3.45 4.38 -12.56
N VAL A 168 3.77 5.65 -12.89
CA VAL A 168 3.88 6.14 -14.28
C VAL A 168 5.05 5.42 -14.98
N ALA A 169 6.18 5.22 -14.26
CA ALA A 169 7.31 4.49 -14.84
C ALA A 169 6.91 3.04 -15.21
N PHE A 170 5.93 2.47 -14.47
CA PHE A 170 5.46 1.11 -14.75
C PHE A 170 4.29 1.09 -15.75
N GLY A 171 3.91 2.25 -16.28
CA GLY A 171 2.91 2.32 -17.35
C GLY A 171 1.59 2.96 -16.99
N ALA A 172 1.39 3.37 -15.71
CA ALA A 172 0.13 3.97 -15.31
C ALA A 172 -0.08 5.33 -16.00
N PRO A 173 -1.32 5.69 -16.40
CA PRO A 173 -1.53 7.04 -16.95
C PRO A 173 -1.26 8.09 -15.88
N ASP A 174 -0.56 9.18 -16.24
CA ASP A 174 -0.24 10.22 -15.28
C ASP A 174 -1.44 11.15 -15.12
N THR A 175 -2.01 11.19 -13.91
CA THR A 175 -3.19 11.98 -13.58
C THR A 175 -2.82 13.35 -12.98
N ARG A 176 -1.54 13.58 -12.70
CA ARG A 176 -1.09 14.84 -12.09
C ARG A 176 -1.32 16.06 -13.02
N PRO A 177 -1.67 17.24 -12.48
CA PRO A 177 -1.93 18.39 -13.35
C PRO A 177 -0.67 19.22 -13.60
N ASP B 9 5.72 -11.95 14.41
CA ASP B 9 5.79 -10.62 13.82
C ASP B 9 4.40 -10.19 13.29
N ASP B 10 3.82 -9.12 13.88
CA ASP B 10 2.48 -8.62 13.57
C ASP B 10 2.45 -7.22 12.88
N THR B 11 3.64 -6.69 12.47
CA THR B 11 3.78 -5.38 11.82
CA THR B 11 3.78 -5.39 11.82
C THR B 11 2.81 -5.23 10.64
N ARG B 12 2.70 -6.26 9.79
CA ARG B 12 1.83 -6.33 8.60
C ARG B 12 0.34 -6.14 8.96
N TYR B 13 -0.04 -6.38 10.23
CA TYR B 13 -1.45 -6.39 10.60
C TYR B 13 -1.92 -5.14 11.33
N LEU B 14 -1.11 -4.07 11.36
CA LEU B 14 -1.48 -2.86 12.12
C LEU B 14 -2.28 -1.86 11.26
N VAL B 15 -2.17 -0.50 11.49
CA VAL B 15 -2.99 0.47 10.74
CA VAL B 15 -3.00 0.46 10.74
C VAL B 15 -2.79 0.27 9.23
N GLY B 16 -3.91 0.27 8.51
CA GLY B 16 -3.95 0.12 7.06
C GLY B 16 -4.16 -1.31 6.58
N ALA B 17 -3.97 -2.30 7.47
CA ALA B 17 -4.12 -3.72 7.07
C ALA B 17 -5.57 -4.10 6.82
N VAL B 18 -6.52 -3.43 7.50
CA VAL B 18 -7.97 -3.68 7.34
C VAL B 18 -8.61 -2.36 6.90
N PRO B 19 -8.61 -2.06 5.59
CA PRO B 19 -9.14 -0.75 5.15
C PRO B 19 -10.64 -0.66 5.30
N GLU B 20 -11.12 0.57 5.55
CA GLU B 20 -12.54 0.84 5.67
C GLU B 20 -12.89 1.98 4.77
N VAL B 21 -13.94 1.80 3.97
CA VAL B 21 -14.42 2.86 3.09
C VAL B 21 -15.92 2.93 3.28
N ASP B 22 -16.43 4.13 3.60
CA ASP B 22 -17.87 4.33 3.85
C ASP B 22 -18.35 3.37 4.95
N GLY B 23 -17.51 3.17 5.96
CA GLY B 23 -17.81 2.35 7.13
C GLY B 23 -17.79 0.84 6.89
N LYS B 24 -17.32 0.40 5.70
CA LYS B 24 -17.30 -1.03 5.38
C LYS B 24 -15.88 -1.52 5.14
N VAL B 25 -15.59 -2.77 5.57
CA VAL B 25 -14.27 -3.34 5.34
C VAL B 25 -14.14 -3.70 3.86
N VAL B 26 -13.06 -3.22 3.22
CA VAL B 26 -12.78 -3.50 1.81
CA VAL B 26 -12.80 -3.55 1.83
C VAL B 26 -11.29 -3.77 1.65
N PHE B 27 -10.92 -4.95 1.13
CA PHE B 27 -9.53 -5.24 0.78
C PHE B 27 -9.38 -4.99 -0.71
N SER B 28 -8.31 -4.35 -1.12
CA SER B 28 -8.15 -4.10 -2.53
CA SER B 28 -8.11 -3.96 -2.51
C SER B 28 -6.69 -4.24 -2.98
N LYS B 29 -6.54 -4.48 -4.28
CA LYS B 29 -5.21 -4.58 -4.86
C LYS B 29 -5.29 -4.12 -6.28
N GLU B 30 -4.32 -3.28 -6.66
CA GLU B 30 -4.17 -2.78 -8.04
CA GLU B 30 -4.14 -2.76 -8.03
C GLU B 30 -3.06 -3.55 -8.72
N PHE B 31 -3.26 -3.89 -10.00
CA PHE B 31 -2.25 -4.59 -10.79
C PHE B 31 -1.92 -3.81 -12.02
N GLN B 32 -0.62 -3.67 -12.31
CA GLN B 32 -0.18 -2.95 -13.52
C GLN B 32 0.27 -3.99 -14.54
N ILE B 33 -0.45 -4.06 -15.68
CA ILE B 33 -0.14 -4.99 -16.78
C ILE B 33 -0.17 -4.16 -18.06
N PRO B 34 0.79 -3.22 -18.19
CA PRO B 34 0.77 -2.28 -19.32
C PRO B 34 0.77 -2.93 -20.71
N GLY B 35 1.23 -4.18 -20.81
CA GLY B 35 1.28 -4.90 -22.08
C GLY B 35 -0.03 -5.56 -22.48
N SER B 37 -4.31 -5.26 -23.17
CA SER B 37 -5.42 -4.35 -23.42
C SER B 37 -6.53 -4.60 -22.39
N GLN B 38 -7.50 -3.67 -22.27
CA GLN B 38 -8.61 -3.90 -21.38
C GLN B 38 -9.33 -5.23 -21.75
N ALA B 39 -9.50 -5.50 -23.07
CA ALA B 39 -10.20 -6.72 -23.50
C ALA B 39 -9.43 -7.99 -23.05
N GLN B 40 -8.08 -7.96 -23.14
CA GLN B 40 -7.30 -9.10 -22.71
C GLN B 40 -7.40 -9.28 -21.19
N ILE B 41 -7.40 -8.17 -20.44
CA ILE B 41 -7.51 -8.25 -18.98
C ILE B 41 -8.88 -8.82 -18.60
N TYR B 42 -9.95 -8.31 -19.27
CA TYR B 42 -11.32 -8.77 -18.99
C TYR B 42 -11.43 -10.28 -19.29
N ASP B 43 -10.84 -10.75 -20.42
CA ASP B 43 -10.89 -12.17 -20.75
C ASP B 43 -10.15 -12.99 -19.69
N THR B 44 -8.95 -12.56 -19.34
CA THR B 44 -8.15 -13.29 -18.38
C THR B 44 -8.84 -13.33 -17.01
N THR B 46 -12.15 -12.92 -16.31
CA THR B 46 -13.40 -13.69 -16.28
CA THR B 46 -13.40 -13.69 -16.33
C THR B 46 -13.04 -15.16 -16.14
N LYS B 47 -12.03 -15.64 -16.91
CA LYS B 47 -11.63 -17.05 -16.82
C LYS B 47 -11.01 -17.37 -15.47
N TRP B 48 -10.21 -16.44 -14.93
CA TRP B 48 -9.59 -16.65 -13.63
C TRP B 48 -10.71 -16.76 -12.55
N ASP B 50 -13.88 -17.40 -12.80
CA ASP B 50 -14.72 -18.59 -12.97
C ASP B 50 -14.01 -19.83 -12.36
N GLU B 51 -12.71 -20.03 -12.71
CA GLU B 51 -12.00 -21.19 -12.18
CA GLU B 51 -11.91 -21.14 -12.20
CA GLU B 51 -11.92 -21.15 -12.21
C GLU B 51 -11.75 -21.07 -10.69
N ARG B 52 -11.42 -19.88 -10.18
CA ARG B 52 -11.16 -19.71 -8.77
C ARG B 52 -12.40 -20.04 -7.92
N LEU B 53 -13.57 -19.57 -8.39
CA LEU B 53 -14.77 -19.82 -7.59
C LEU B 53 -15.24 -21.26 -7.74
N LYS B 54 -14.97 -21.89 -8.90
CA LYS B 54 -15.33 -23.32 -9.05
C LYS B 54 -14.52 -24.16 -8.06
N GLU B 55 -13.29 -23.71 -7.70
CA GLU B 55 -12.45 -24.45 -6.74
C GLU B 55 -13.16 -24.66 -5.39
N ASN B 56 -14.06 -23.73 -5.01
CA ASN B 56 -14.75 -23.82 -3.73
C ASN B 56 -15.82 -24.92 -3.72
N LYS B 57 -16.28 -25.36 -4.90
CA LYS B 57 -17.27 -26.42 -5.08
C LYS B 57 -18.53 -26.20 -4.21
N ASN B 58 -19.13 -25.01 -4.35
CA ASN B 58 -20.39 -24.76 -3.66
C ASN B 58 -21.23 -23.75 -4.44
N ILE B 59 -22.53 -23.79 -4.18
CA ILE B 59 -23.50 -22.94 -4.89
C ILE B 59 -23.25 -21.45 -4.60
N ASP B 60 -22.68 -21.13 -3.43
CA ASP B 60 -22.44 -19.73 -3.05
C ASP B 60 -21.09 -19.20 -3.54
N SER B 61 -20.47 -19.90 -4.51
CA SER B 61 -19.21 -19.46 -5.12
C SER B 61 -19.42 -19.47 -6.62
N ARG B 62 -19.62 -18.28 -7.19
CA ARG B 62 -19.98 -18.14 -8.62
C ARG B 62 -19.86 -16.69 -9.07
N ILE B 63 -19.80 -16.50 -10.39
CA ILE B 63 -19.89 -15.16 -10.97
C ILE B 63 -21.37 -14.77 -10.98
N VAL B 64 -21.67 -13.53 -10.54
CA VAL B 64 -23.04 -13.07 -10.44
C VAL B 64 -23.36 -12.01 -11.51
N PHE B 65 -22.45 -11.08 -11.74
CA PHE B 65 -22.65 -10.03 -12.74
C PHE B 65 -21.42 -9.83 -13.55
N SER B 66 -21.60 -9.37 -14.77
CA SER B 66 -20.46 -8.99 -15.59
C SER B 66 -20.92 -7.98 -16.60
N ASP B 67 -20.06 -7.01 -16.88
CA ASP B 67 -20.40 -5.98 -17.84
C ASP B 67 -19.15 -5.69 -18.63
N GLU B 68 -19.04 -6.29 -19.81
CA GLU B 68 -17.87 -6.14 -20.67
C GLU B 68 -17.63 -4.66 -21.05
N ALA B 69 -18.70 -3.89 -21.35
CA ALA B 69 -18.56 -2.47 -21.71
C ALA B 69 -17.95 -1.64 -20.57
N LYS B 70 -18.31 -1.95 -19.32
CA LYS B 70 -17.84 -1.24 -18.13
C LYS B 70 -16.54 -1.87 -17.58
N GLY B 71 -16.19 -3.05 -18.09
CA GLY B 71 -14.97 -3.76 -17.66
C GLY B 71 -15.08 -4.36 -16.27
N THR B 72 -16.31 -4.65 -15.80
CA THR B 72 -16.51 -5.15 -14.44
C THR B 72 -16.96 -6.60 -14.39
N ILE B 73 -16.51 -7.31 -13.35
CA ILE B 73 -16.85 -8.73 -13.13
C ILE B 73 -17.10 -8.86 -11.65
N ALA B 74 -18.28 -9.33 -11.26
CA ALA B 74 -18.60 -9.42 -9.84
C ALA B 74 -19.02 -10.83 -9.49
N GLY B 75 -18.37 -11.39 -8.48
CA GLY B 75 -18.73 -12.73 -8.01
C GLY B 75 -18.88 -12.77 -6.51
N VAL B 76 -19.26 -13.95 -6.02
CA VAL B 76 -19.36 -14.20 -4.58
C VAL B 76 -18.62 -15.48 -4.31
N GLY B 77 -18.11 -15.59 -3.09
CA GLY B 77 -17.44 -16.81 -2.69
C GLY B 77 -17.78 -17.22 -1.28
N GLU B 78 -17.61 -18.51 -1.02
CA GLU B 78 -17.84 -19.10 0.30
C GLU B 78 -16.80 -20.18 0.48
N GLU B 79 -15.99 -20.08 1.54
CA GLU B 79 -14.93 -21.09 1.73
C GLU B 79 -14.39 -21.00 3.17
N TRP B 80 -13.46 -21.88 3.51
CA TRP B 80 -12.96 -21.90 4.88
C TRP B 80 -11.69 -21.10 5.07
N ILE B 81 -11.59 -20.43 6.23
CA ILE B 81 -10.35 -19.79 6.70
C ILE B 81 -9.93 -20.57 7.93
N VAL B 82 -8.81 -21.27 7.85
CA VAL B 82 -8.34 -22.06 8.98
C VAL B 82 -7.47 -21.18 9.88
N PHE B 83 -7.82 -21.13 11.17
CA PHE B 83 -6.98 -20.41 12.16
C PHE B 83 -5.80 -21.27 12.61
N SER B 84 -6.08 -22.56 12.88
CA SER B 84 -5.06 -23.49 13.31
C SER B 84 -5.55 -24.90 13.15
N SER B 85 -4.61 -25.81 13.14
CA SER B 85 -4.90 -27.23 13.15
C SER B 85 -3.73 -27.94 13.76
N SER B 86 -3.97 -29.14 14.24
CA SER B 86 -2.92 -29.99 14.77
C SER B 86 -3.31 -31.45 14.50
N ALA B 87 -2.58 -32.40 15.05
CA ALA B 87 -2.94 -33.80 14.84
C ALA B 87 -4.34 -34.10 15.39
N LEU B 88 -4.78 -33.36 16.44
CA LEU B 88 -6.04 -33.65 17.14
C LEU B 88 -7.08 -32.54 17.13
N SER B 89 -6.79 -31.41 16.51
CA SER B 89 -7.71 -30.27 16.57
CA SER B 89 -7.71 -30.28 16.58
C SER B 89 -7.83 -29.50 15.27
N LEU B 90 -8.87 -28.67 15.18
CA LEU B 90 -9.10 -27.81 14.04
C LEU B 90 -9.88 -26.60 14.52
N ASP B 91 -9.44 -25.42 14.12
CA ASP B 91 -10.16 -24.20 14.44
C ASP B 91 -10.27 -23.41 13.17
N ARG B 92 -11.48 -23.26 12.65
CA ARG B 92 -11.67 -22.55 11.39
C ARG B 92 -13.00 -21.82 11.37
N THR B 93 -13.11 -20.89 10.43
CA THR B 93 -14.35 -20.17 10.22
C THR B 93 -14.74 -20.29 8.77
N LEU B 94 -16.05 -20.28 8.49
CA LEU B 94 -16.47 -20.10 7.12
C LEU B 94 -16.39 -18.61 6.82
N VAL B 95 -16.10 -18.25 5.57
CA VAL B 95 -16.14 -16.85 5.14
C VAL B 95 -16.99 -16.77 3.88
N ASN B 96 -17.82 -15.71 3.81
CA ASN B 96 -18.57 -15.32 2.62
C ASN B 96 -18.05 -13.95 2.23
N TYR B 97 -17.92 -13.72 0.92
CA TYR B 97 -17.42 -12.43 0.45
C TYR B 97 -17.92 -12.14 -0.96
N GLN B 98 -17.78 -10.88 -1.35
CA GLN B 98 -17.99 -10.41 -2.73
C GLN B 98 -16.61 -10.13 -3.31
N ILE B 99 -16.38 -10.55 -4.55
CA ILE B 99 -15.11 -10.27 -5.23
C ILE B 99 -15.45 -9.54 -6.51
N THR B 100 -14.85 -8.35 -6.72
CA THR B 100 -15.15 -7.56 -7.90
C THR B 100 -13.85 -7.19 -8.60
N VAL B 101 -13.82 -7.34 -9.90
CA VAL B 101 -12.66 -7.00 -10.72
C VAL B 101 -13.06 -5.90 -11.67
N THR B 102 -12.25 -4.82 -11.75
CA THR B 102 -12.51 -3.69 -12.65
C THR B 102 -11.34 -3.58 -13.58
N CYS B 103 -11.61 -3.74 -14.88
CA CYS B 103 -10.56 -3.78 -15.90
C CYS B 103 -10.47 -2.49 -16.64
N LYS B 104 -9.23 -2.02 -16.87
CA LYS B 104 -8.96 -0.81 -17.63
C LYS B 104 -7.81 -1.10 -18.58
N PRO B 105 -7.48 -0.19 -19.51
CA PRO B 105 -6.35 -0.45 -20.43
C PRO B 105 -5.04 -0.52 -19.63
N GLY B 106 -4.46 -1.70 -19.59
CA GLY B 106 -3.17 -1.90 -18.92
C GLY B 106 -3.21 -2.06 -17.41
N ASN B 107 -4.42 -2.14 -16.80
CA ASN B 107 -4.42 -2.28 -15.35
C ASN B 107 -5.73 -2.82 -14.87
N CYS B 108 -5.69 -3.36 -13.63
N CYS B 108 -5.77 -3.20 -13.61
CA CYS B 108 -6.80 -4.09 -13.03
CA CYS B 108 -7.04 -3.56 -13.05
C CYS B 108 -6.91 -3.81 -11.52
C CYS B 108 -6.98 -3.43 -11.56
N LEU B 109 -8.15 -3.52 -11.00
CA LEU B 109 -8.41 -3.39 -9.58
C LEU B 109 -9.22 -4.60 -9.13
N VAL B 110 -8.83 -5.22 -8.00
CA VAL B 110 -9.57 -6.33 -7.40
C VAL B 110 -10.00 -5.92 -6.00
N GLU B 111 -11.29 -6.11 -5.67
CA GLU B 111 -11.83 -5.71 -4.37
C GLU B 111 -12.57 -6.86 -3.72
N LEU B 112 -12.29 -7.07 -2.43
CA LEU B 112 -13.00 -8.06 -1.60
CA LEU B 112 -12.93 -8.06 -1.57
C LEU B 112 -13.85 -7.30 -0.61
N GLU B 113 -15.17 -7.50 -0.70
CA GLU B 113 -16.15 -6.75 0.10
C GLU B 113 -17.14 -7.66 0.81
N LYS B 114 -17.94 -7.06 1.70
CA LYS B 114 -18.98 -7.73 2.47
C LYS B 114 -18.45 -9.03 3.07
N ILE B 115 -17.37 -8.90 3.86
CA ILE B 115 -16.72 -10.03 4.51
CA ILE B 115 -16.75 -10.07 4.48
C ILE B 115 -17.59 -10.48 5.69
N ARG B 116 -18.11 -11.71 5.62
CA ARG B 116 -18.99 -12.24 6.66
C ARG B 116 -18.51 -13.59 7.10
N PHE B 117 -18.45 -13.79 8.42
CA PHE B 117 -17.99 -15.04 8.97
C PHE B 117 -19.12 -15.89 9.54
N THR B 118 -18.99 -17.22 9.44
CA THR B 118 -19.92 -18.16 10.07
C THR B 118 -19.05 -19.11 10.87
N TYR B 119 -19.11 -18.99 12.21
CA TYR B 119 -18.25 -19.78 13.09
C TYR B 119 -19.05 -20.83 13.86
N ARG B 120 -18.50 -22.06 13.98
CA ARG B 120 -19.18 -23.16 14.70
C ARG B 120 -20.58 -23.42 14.11
N GLU B 121 -20.67 -23.29 12.77
CA GLU B 121 -21.85 -23.55 11.92
C GLU B 121 -22.97 -22.54 12.06
N THR B 122 -23.11 -21.85 13.21
CA THR B 122 -24.25 -20.95 13.40
C THR B 122 -23.93 -19.52 13.85
N GLU B 123 -22.69 -19.23 14.25
CA GLU B 123 -22.40 -17.89 14.78
C GLU B 123 -22.02 -16.94 13.64
N LYS B 124 -22.82 -15.87 13.43
CA LYS B 124 -22.62 -14.94 12.33
C LYS B 124 -21.92 -13.69 12.80
N TYR B 125 -20.74 -13.40 12.21
CA TYR B 125 -19.96 -12.23 12.59
C TYR B 125 -19.68 -11.36 11.39
N LYS B 126 -19.81 -10.03 11.53
CA LYS B 126 -19.49 -9.14 10.41
C LYS B 126 -18.07 -8.64 10.58
N ALA B 127 -17.28 -8.54 9.47
CA ALA B 127 -15.91 -8.05 9.61
C ALA B 127 -15.88 -6.66 10.26
N GLU B 128 -16.88 -5.80 9.98
CA GLU B 128 -16.94 -4.43 10.52
C GLU B 128 -16.93 -4.41 12.05
N GLU B 129 -17.42 -5.48 12.68
CA GLU B 129 -17.52 -5.53 14.15
C GLU B 129 -16.47 -6.48 14.76
N TRP B 130 -15.57 -7.08 13.95
CA TRP B 130 -14.63 -8.06 14.45
C TRP B 130 -13.19 -7.78 14.15
N ILE B 131 -12.88 -7.28 12.93
CA ILE B 131 -11.47 -7.17 12.56
C ILE B 131 -11.00 -5.74 12.28
N THR B 132 -11.88 -4.76 12.40
CA THR B 132 -11.48 -3.37 12.16
C THR B 132 -10.55 -2.87 13.25
N ASP B 133 -9.79 -1.79 12.96
CA ASP B 133 -8.85 -1.19 13.94
C ASP B 133 -9.53 -0.90 15.28
N LYS B 134 -10.77 -0.39 15.24
CA LYS B 134 -11.60 0.00 16.41
C LYS B 134 -11.72 -1.15 17.43
N TYR B 135 -11.89 -2.38 16.94
CA TYR B 135 -12.09 -3.53 17.80
C TYR B 135 -10.88 -4.42 17.93
N ALA B 136 -10.08 -4.57 16.85
CA ALA B 136 -9.01 -5.57 16.83
C ALA B 136 -7.60 -5.03 17.07
N LEU B 137 -7.43 -3.71 17.18
CA LEU B 137 -6.16 -3.09 17.59
C LEU B 137 -6.36 -2.47 18.95
N ASN B 138 -5.28 -2.35 19.73
CA ASN B 138 -5.37 -1.65 21.02
C ASN B 138 -5.61 -0.14 20.75
N LYS B 139 -5.87 0.65 21.81
CA LYS B 139 -6.14 2.10 21.70
C LYS B 139 -5.01 2.83 20.96
N ALA B 140 -3.75 2.45 21.26
CA ALA B 140 -2.54 3.03 20.65
C ALA B 140 -2.38 2.61 19.18
N LYS B 141 -3.10 1.54 18.74
CA LYS B 141 -3.08 0.96 17.39
C LYS B 141 -1.66 0.44 17.08
N THR B 142 -1.00 -0.14 18.11
CA THR B 142 0.37 -0.67 18.03
C THR B 142 0.44 -2.17 18.18
N LYS B 143 -0.65 -2.81 18.67
CA LYS B 143 -0.73 -4.25 18.91
C LYS B 143 -2.10 -4.81 18.58
N LEU B 144 -2.18 -6.11 18.28
CA LEU B 144 -3.44 -6.79 18.04
C LEU B 144 -4.12 -7.17 19.35
N VAL B 145 -5.44 -6.99 19.42
CA VAL B 145 -6.24 -7.44 20.57
C VAL B 145 -6.20 -8.98 20.53
N ARG B 146 -5.75 -9.58 21.63
CA ARG B 146 -5.55 -11.03 21.70
C ARG B 146 -6.71 -11.89 21.22
N GLY B 147 -7.92 -11.67 21.74
CA GLY B 147 -9.09 -12.48 21.39
C GLY B 147 -9.55 -12.36 19.94
N LEU B 148 -9.10 -11.33 19.25
CA LEU B 148 -9.47 -11.10 17.85
C LEU B 148 -8.31 -11.29 16.88
N ALA B 149 -7.11 -11.59 17.40
CA ALA B 149 -5.90 -11.67 16.57
C ALA B 149 -6.02 -12.71 15.47
N LYS B 150 -6.58 -13.89 15.77
CA LYS B 150 -6.68 -14.91 14.73
C LYS B 150 -7.61 -14.46 13.61
N TRP B 151 -8.68 -13.74 13.99
CA TRP B 151 -9.66 -13.24 13.02
C TRP B 151 -9.00 -12.23 12.07
N ARG B 152 -8.30 -11.25 12.66
CA ARG B 152 -7.69 -10.21 11.84
C ARG B 152 -6.51 -10.77 11.01
N ARG B 153 -5.60 -11.54 11.65
CA ARG B 153 -4.46 -12.04 10.89
C ARG B 153 -4.87 -12.92 9.74
N LYS B 154 -5.76 -13.89 10.00
CA LYS B 154 -6.12 -14.85 8.96
CA LYS B 154 -6.09 -14.85 8.95
C LYS B 154 -6.99 -14.23 7.88
N THR B 155 -7.80 -13.19 8.22
CA THR B 155 -8.58 -12.59 7.14
C THR B 155 -7.63 -11.77 6.21
N VAL B 156 -6.67 -11.04 6.83
CA VAL B 156 -5.67 -10.32 6.02
C VAL B 156 -4.88 -11.31 5.16
N ASP B 157 -4.48 -12.46 5.76
CA ASP B 157 -3.73 -13.46 5.00
C ASP B 157 -4.57 -14.05 3.85
N PHE B 158 -5.89 -14.22 4.09
CA PHE B 158 -6.79 -14.74 3.06
C PHE B 158 -6.88 -13.75 1.90
N ALA B 159 -7.06 -12.44 2.23
CA ALA B 159 -7.10 -11.44 1.15
C ALA B 159 -5.78 -11.45 0.37
N ASP B 160 -4.63 -11.52 1.09
CA ASP B 160 -3.34 -11.55 0.38
C ASP B 160 -3.23 -12.80 -0.50
N ASP B 161 -3.78 -13.95 -0.05
CA ASP B 161 -3.73 -15.18 -0.84
C ASP B 161 -4.56 -15.04 -2.10
N PHE B 163 -5.17 -12.19 -3.64
CA PHE B 163 -4.46 -11.29 -4.55
C PHE B 163 -3.25 -11.97 -5.19
N ASP B 165 -3.35 -15.19 -6.00
CA ASP B 165 -4.01 -15.95 -7.08
C ASP B 165 -4.17 -15.08 -8.33
N VAL B 166 -4.57 -13.80 -8.13
CA VAL B 166 -4.72 -12.89 -9.29
C VAL B 166 -3.35 -12.60 -9.93
N ALA B 167 -2.32 -12.30 -9.09
CA ALA B 167 -0.99 -12.05 -9.65
C ALA B 167 -0.53 -13.23 -10.52
N VAL B 168 -0.73 -14.46 -10.01
CA VAL B 168 -0.30 -15.68 -10.72
C VAL B 168 -1.09 -15.79 -12.05
N ALA B 169 -2.41 -15.45 -12.03
CA ALA B 169 -3.18 -15.49 -13.28
C ALA B 169 -2.63 -14.50 -14.30
N PHE B 170 -1.97 -13.40 -13.82
CA PHE B 170 -1.37 -12.42 -14.73
C PHE B 170 0.10 -12.70 -15.08
N GLY B 171 0.61 -13.84 -14.61
CA GLY B 171 1.95 -14.27 -14.97
C GLY B 171 3.00 -14.27 -13.89
N ALA B 172 2.65 -13.88 -12.65
CA ALA B 172 3.64 -13.87 -11.59
C ALA B 172 3.99 -15.28 -11.13
N PRO B 173 5.23 -15.55 -10.70
CA PRO B 173 5.55 -16.89 -10.19
C PRO B 173 4.82 -17.17 -8.89
N ASP B 174 4.38 -18.41 -8.72
CA ASP B 174 3.74 -18.80 -7.48
C ASP B 174 4.82 -19.43 -6.60
N THR B 175 5.18 -18.73 -5.52
CA THR B 175 6.23 -19.21 -4.61
C THR B 175 5.62 -19.74 -3.30
N ARG B 176 4.27 -19.87 -3.23
CA ARG B 176 3.64 -20.40 -2.03
C ARG B 176 3.98 -21.88 -1.85
N PRO B 177 4.34 -22.31 -0.61
CA PRO B 177 4.67 -23.73 -0.39
C PRO B 177 3.50 -24.66 -0.74
N LYS B 178 2.25 -24.24 -0.48
CA LYS B 178 1.03 -25.01 -0.78
C LYS B 178 0.98 -25.41 -2.27
N THR B 179 1.38 -24.49 -3.18
CA THR B 179 1.41 -24.74 -4.62
C THR B 179 2.60 -25.66 -4.98
N GLU B 180 3.78 -25.42 -4.34
CA GLU B 180 5.02 -26.20 -4.54
C GLU B 180 4.77 -27.69 -4.22
N LYS B 181 3.89 -27.96 -3.23
CA LYS B 181 3.48 -29.29 -2.77
C LYS B 181 2.51 -29.91 -3.77
#